data_1XX4
#
_entry.id   1XX4
#
_cell.length_a   169.918
_cell.length_b   169.918
_cell.length_c   169.918
_cell.angle_alpha   90.00
_cell.angle_beta   90.00
_cell.angle_gamma   90.00
#
_symmetry.space_group_name_H-M   'I 41 3 2'
#
loop_
_entity.id
_entity.type
_entity.pdbx_description
1 polymer '3,2-trans-enoyl-CoA isomerase, mitochondrial'
2 non-polymer 'PHOSPHATE ION'
3 non-polymer 'ZINC ION'
4 non-polymer BENZAMIDINE
5 water water
#
_entity_poly.entity_id   1
_entity_poly.type   'polypeptide(L)'
_entity_poly.pdbx_seq_one_letter_code
;FSNKRVLVEKEGEAGIAVMKFKNPPVNSLSLEFLTEFVISLEKLENDKSIRGVILTSERPGIFSAGLDLMEMYGRNPAHY
AEYWKAVQELWLRLYLSNLTLISAINGASPAGGCLMALTCDYRIMADNSKYTIGLNESLLGIVAPFWLKDNYVNTIGHRA
AERALQLGTLFPPAEALKVGLVDEVVPEDQVHSKARSVMAKWFTIPDHSRQLTKSMMRKATADNLIKQREADIQNFTSFI
SRDSIQKSLHVYLEKLKQKKG
;
_entity_poly.pdbx_strand_id   A
#
loop_
_chem_comp.id
_chem_comp.type
_chem_comp.name
_chem_comp.formula
BEN non-polymer BENZAMIDINE 'C7 H8 N2'
PO4 non-polymer 'PHOSPHATE ION' 'O4 P -3'
ZN non-polymer 'ZINC ION' 'Zn 2'
#
# COMPACT_ATOMS: atom_id res chain seq x y z
N PHE A 1 14.10 -15.87 -3.36
CA PHE A 1 13.44 -14.88 -2.45
C PHE A 1 14.29 -14.59 -1.23
N SER A 2 14.63 -13.32 -1.02
CA SER A 2 15.44 -12.92 0.12
C SER A 2 14.81 -13.37 1.42
N ASN A 3 13.48 -13.28 1.49
CA ASN A 3 12.74 -13.65 2.69
C ASN A 3 13.31 -12.99 3.94
N LYS A 4 13.73 -11.74 3.80
CA LYS A 4 14.28 -10.98 4.92
C LYS A 4 13.21 -10.05 5.50
N ARG A 5 12.81 -9.05 4.73
CA ARG A 5 11.79 -8.10 5.18
C ARG A 5 10.40 -8.55 4.75
N VAL A 6 10.35 -9.46 3.78
CA VAL A 6 9.08 -9.99 3.28
C VAL A 6 9.23 -11.48 3.01
N LEU A 7 8.40 -12.26 3.68
CA LEU A 7 8.42 -13.70 3.48
C LEU A 7 7.45 -14.08 2.36
N VAL A 8 7.90 -14.93 1.45
CA VAL A 8 7.07 -15.38 0.35
C VAL A 8 6.81 -16.84 0.63
N GLU A 9 5.55 -17.23 0.79
CA GLU A 9 5.24 -18.63 1.09
C GLU A 9 4.34 -19.30 0.06
N LYS A 10 4.58 -20.59 -0.14
CA LYS A 10 3.84 -21.42 -1.08
C LYS A 10 4.18 -21.09 -2.52
N ALA A 14 -3.05 -23.62 -3.99
CA ALA A 14 -2.37 -23.95 -5.27
C ALA A 14 -2.52 -22.79 -6.27
N GLY A 15 -1.43 -22.06 -6.47
CA GLY A 15 -1.45 -20.92 -7.37
C GLY A 15 -1.53 -19.65 -6.54
N ILE A 16 -1.53 -19.82 -5.22
CA ILE A 16 -1.60 -18.72 -4.27
C ILE A 16 -0.29 -18.62 -3.48
N ALA A 17 0.28 -17.42 -3.43
CA ALA A 17 1.51 -17.18 -2.67
C ALA A 17 1.14 -16.12 -1.66
N VAL A 18 1.84 -16.12 -0.53
CA VAL A 18 1.57 -15.14 0.50
C VAL A 18 2.84 -14.34 0.75
N MET A 19 2.69 -13.02 0.80
CA MET A 19 3.81 -12.13 1.06
C MET A 19 3.53 -11.53 2.43
N LYS A 20 4.39 -11.81 3.39
CA LYS A 20 4.21 -11.34 4.75
C LYS A 20 5.24 -10.33 5.18
N PHE A 21 4.78 -9.13 5.53
CA PHE A 21 5.67 -8.07 5.98
C PHE A 21 6.38 -8.51 7.25
N LYS A 22 7.70 -8.46 7.23
CA LYS A 22 8.54 -8.87 8.34
C LYS A 22 9.57 -7.77 8.61
N ASN A 23 9.09 -6.59 9.01
CA ASN A 23 9.99 -5.48 9.29
C ASN A 23 9.56 -4.75 10.56
N PRO A 24 9.53 -5.47 11.69
CA PRO A 24 9.14 -4.88 12.98
C PRO A 24 10.00 -3.67 13.33
N PRO A 25 9.55 -2.86 14.29
CA PRO A 25 8.31 -2.98 15.07
C PRO A 25 7.00 -2.65 14.34
N VAL A 26 7.06 -1.80 13.33
CA VAL A 26 5.83 -1.39 12.67
C VAL A 26 5.74 -1.60 11.15
N ASN A 27 6.50 -2.56 10.62
CA ASN A 27 6.50 -2.84 9.19
C ASN A 27 6.60 -1.56 8.39
N SER A 28 7.48 -0.68 8.82
CA SER A 28 7.70 0.59 8.14
C SER A 28 8.17 0.31 6.71
N LEU A 29 7.85 1.18 5.77
CA LEU A 29 8.27 0.98 4.38
C LEU A 29 9.66 1.55 4.11
N SER A 30 10.68 0.88 4.63
CA SER A 30 12.06 1.31 4.44
C SER A 30 12.47 1.07 2.99
N LEU A 31 13.56 1.70 2.58
CA LEU A 31 14.03 1.52 1.21
C LEU A 31 14.39 0.06 0.94
N GLU A 32 14.95 -0.60 1.95
CA GLU A 32 15.32 -2.02 1.82
C GLU A 32 14.06 -2.79 1.52
N PHE A 33 13.07 -2.58 2.36
CA PHE A 33 11.77 -3.21 2.25
C PHE A 33 11.12 -2.96 0.88
N LEU A 34 11.04 -1.71 0.47
CA LEU A 34 10.46 -1.35 -0.82
C LEU A 34 11.16 -2.06 -1.97
N THR A 35 12.47 -2.22 -1.84
CA THR A 35 13.28 -2.86 -2.86
C THR A 35 13.08 -4.36 -2.89
N GLU A 36 13.10 -4.99 -1.73
CA GLU A 36 12.93 -6.43 -1.66
C GLU A 36 11.52 -6.81 -2.10
N PHE A 37 10.54 -5.98 -1.75
CA PHE A 37 9.16 -6.26 -2.11
C PHE A 37 8.97 -6.34 -3.61
N VAL A 38 9.47 -5.35 -4.33
CA VAL A 38 9.33 -5.31 -5.77
C VAL A 38 10.04 -6.47 -6.44
N ILE A 39 11.28 -6.71 -6.04
CA ILE A 39 12.05 -7.81 -6.59
C ILE A 39 11.30 -9.14 -6.39
N SER A 40 10.82 -9.37 -5.18
CA SER A 40 10.09 -10.60 -4.89
C SER A 40 8.77 -10.68 -5.66
N LEU A 41 8.07 -9.55 -5.75
CA LEU A 41 6.80 -9.51 -6.45
C LEU A 41 7.01 -9.94 -7.89
N GLU A 42 8.12 -9.47 -8.47
CA GLU A 42 8.44 -9.80 -9.85
C GLU A 42 8.66 -11.29 -10.07
N LYS A 43 9.32 -11.96 -9.13
CA LYS A 43 9.56 -13.39 -9.26
C LYS A 43 8.22 -14.11 -9.27
N LEU A 44 7.32 -13.67 -8.41
CA LEU A 44 5.99 -14.26 -8.31
C LEU A 44 5.19 -14.06 -9.61
N GLU A 45 5.35 -12.91 -10.25
CA GLU A 45 4.65 -12.63 -11.49
C GLU A 45 5.13 -13.45 -12.68
N ASN A 46 6.42 -13.76 -12.70
CA ASN A 46 6.99 -14.54 -13.79
C ASN A 46 6.91 -16.03 -13.48
N ASP A 47 6.39 -16.36 -12.31
CA ASP A 47 6.22 -17.75 -11.91
C ASP A 47 4.84 -18.16 -12.37
N LYS A 48 4.79 -18.78 -13.55
CA LYS A 48 3.53 -19.21 -14.13
C LYS A 48 2.64 -20.08 -13.25
N SER A 49 3.17 -20.59 -12.14
CA SER A 49 2.35 -21.42 -11.26
C SER A 49 1.66 -20.57 -10.20
N ILE A 50 2.00 -19.28 -10.16
CA ILE A 50 1.39 -18.38 -9.20
C ILE A 50 0.41 -17.47 -9.93
N ARG A 51 -0.85 -17.52 -9.51
CA ARG A 51 -1.90 -16.72 -10.12
C ARG A 51 -2.42 -15.61 -9.22
N GLY A 52 -2.28 -15.80 -7.92
CA GLY A 52 -2.75 -14.80 -6.98
C GLY A 52 -1.82 -14.61 -5.81
N VAL A 53 -1.90 -13.46 -5.15
CA VAL A 53 -1.05 -13.17 -4.01
C VAL A 53 -1.82 -12.48 -2.89
N ILE A 54 -1.64 -12.98 -1.67
CA ILE A 54 -2.27 -12.42 -0.49
C ILE A 54 -1.21 -11.65 0.27
N LEU A 55 -1.49 -10.38 0.58
CA LEU A 55 -0.56 -9.53 1.30
C LEU A 55 -0.98 -9.46 2.74
N THR A 56 -0.01 -9.54 3.65
CA THR A 56 -0.34 -9.49 5.07
C THR A 56 0.91 -9.35 5.91
N SER A 57 0.72 -8.97 7.18
CA SER A 57 1.81 -8.81 8.12
C SER A 57 2.05 -10.17 8.76
N GLU A 58 3.31 -10.56 8.91
CA GLU A 58 3.58 -11.86 9.54
C GLU A 58 3.28 -11.71 11.01
N ARG A 59 3.29 -10.46 11.49
CA ARG A 59 3.02 -10.18 12.89
C ARG A 59 1.72 -9.37 13.06
N PRO A 60 0.66 -10.00 13.61
CA PRO A 60 -0.60 -9.30 13.81
C PRO A 60 -0.46 -8.04 14.66
N GLY A 61 -1.31 -7.04 14.39
CA GLY A 61 -1.26 -5.79 15.13
C GLY A 61 -1.07 -4.57 14.24
N ILE A 62 -0.08 -4.64 13.36
CA ILE A 62 0.19 -3.56 12.44
C ILE A 62 0.48 -4.10 11.04
N PHE A 63 -0.41 -3.80 10.10
CA PHE A 63 -0.29 -4.21 8.71
C PHE A 63 0.97 -3.51 8.17
N SER A 64 0.97 -2.19 8.25
CA SER A 64 2.11 -1.38 7.84
C SER A 64 1.89 0.07 8.21
N ALA A 65 2.92 0.68 8.80
CA ALA A 65 2.86 2.07 9.20
C ALA A 65 3.16 3.00 8.02
N GLY A 66 3.49 2.41 6.88
CA GLY A 66 3.80 3.24 5.72
C GLY A 66 5.24 3.70 5.68
N LEU A 67 5.51 4.75 4.91
CA LEU A 67 6.89 5.24 4.76
C LEU A 67 7.60 5.47 6.08
N ASP A 68 8.92 5.27 6.06
CA ASP A 68 9.77 5.47 7.24
C ASP A 68 10.25 6.91 7.21
N LEU A 69 9.65 7.78 8.02
CA LEU A 69 10.02 9.19 8.04
C LEU A 69 11.52 9.42 8.06
N MET A 70 12.26 8.55 8.73
CA MET A 70 13.70 8.70 8.81
C MET A 70 14.36 8.65 7.45
N GLU A 71 13.83 7.81 6.56
CA GLU A 71 14.38 7.69 5.20
C GLU A 71 14.33 9.04 4.49
N MET A 72 13.55 9.97 5.01
CA MET A 72 13.43 11.27 4.36
C MET A 72 13.71 12.50 5.23
N TYR A 73 14.60 12.35 6.20
CA TYR A 73 14.98 13.47 7.07
C TYR A 73 16.51 13.65 7.02
N GLY A 74 16.94 14.88 6.76
CA GLY A 74 18.36 15.18 6.69
C GLY A 74 19.13 14.30 5.71
N ARG A 75 18.60 14.18 4.50
CA ARG A 75 19.22 13.37 3.46
C ARG A 75 19.54 14.25 2.26
N ASN A 76 20.38 13.78 1.33
CA ASN A 76 20.69 14.59 0.16
C ASN A 76 19.65 14.37 -0.94
N PRO A 77 19.44 15.37 -1.80
CA PRO A 77 18.47 15.30 -2.91
C PRO A 77 18.53 14.00 -3.72
N ALA A 78 19.74 13.54 -4.02
CA ALA A 78 19.89 12.30 -4.77
C ALA A 78 19.22 11.14 -4.05
N HIS A 79 19.28 11.14 -2.72
CA HIS A 79 18.65 10.07 -1.96
C HIS A 79 17.13 10.19 -2.05
N TYR A 80 16.63 11.39 -1.85
CA TYR A 80 15.19 11.61 -1.95
C TYR A 80 14.68 11.14 -3.31
N ALA A 81 15.39 11.51 -4.37
CA ALA A 81 15.01 11.14 -5.71
C ALA A 81 14.95 9.62 -5.83
N GLU A 82 15.98 8.96 -5.31
CA GLU A 82 16.06 7.50 -5.34
C GLU A 82 14.95 6.89 -4.50
N TYR A 83 14.74 7.46 -3.32
CA TYR A 83 13.71 6.98 -2.42
C TYR A 83 12.33 7.07 -3.06
N TRP A 84 11.93 8.28 -3.44
CA TRP A 84 10.63 8.48 -4.05
C TRP A 84 10.42 7.61 -5.28
N LYS A 85 11.47 7.37 -6.05
CA LYS A 85 11.33 6.53 -7.23
C LYS A 85 10.95 5.12 -6.79
N ALA A 86 11.47 4.68 -5.65
CA ALA A 86 11.17 3.36 -5.14
C ALA A 86 9.72 3.27 -4.61
N VAL A 87 9.19 4.39 -4.13
CA VAL A 87 7.82 4.40 -3.63
C VAL A 87 6.88 4.32 -4.83
N GLN A 88 7.19 5.10 -5.87
CA GLN A 88 6.39 5.07 -7.09
C GLN A 88 6.41 3.65 -7.63
N GLU A 89 7.60 3.05 -7.68
CA GLU A 89 7.76 1.70 -8.21
C GLU A 89 6.86 0.72 -7.50
N LEU A 90 6.90 0.77 -6.17
CA LEU A 90 6.07 -0.11 -5.37
C LEU A 90 4.61 0.04 -5.76
N TRP A 91 4.15 1.28 -5.93
CA TRP A 91 2.74 1.50 -6.30
C TRP A 91 2.44 1.03 -7.72
N LEU A 92 3.32 1.39 -8.65
CA LEU A 92 3.14 1.00 -10.04
C LEU A 92 3.10 -0.52 -10.22
N ARG A 93 4.02 -1.24 -9.58
CA ARG A 93 4.07 -2.68 -9.72
C ARG A 93 2.86 -3.41 -9.12
N LEU A 94 2.35 -2.90 -8.02
CA LEU A 94 1.20 -3.50 -7.35
C LEU A 94 -0.10 -3.15 -8.08
N TYR A 95 -0.26 -1.86 -8.37
CA TYR A 95 -1.43 -1.36 -9.05
C TYR A 95 -1.64 -1.99 -10.42
N LEU A 96 -0.54 -2.22 -11.14
CA LEU A 96 -0.58 -2.78 -12.49
C LEU A 96 -0.28 -4.30 -12.59
N SER A 97 -0.14 -4.94 -11.44
CA SER A 97 0.15 -6.37 -11.39
C SER A 97 -0.92 -7.20 -12.08
N ASN A 98 -0.49 -8.21 -12.81
CA ASN A 98 -1.40 -9.12 -13.53
C ASN A 98 -1.91 -10.20 -12.59
N LEU A 99 -1.33 -10.27 -11.40
CA LEU A 99 -1.74 -11.23 -10.40
C LEU A 99 -2.99 -10.70 -9.73
N THR A 100 -3.76 -11.58 -9.10
CA THR A 100 -4.92 -11.14 -8.36
C THR A 100 -4.35 -10.87 -6.97
N LEU A 101 -4.47 -9.64 -6.51
CA LEU A 101 -3.95 -9.26 -5.20
C LEU A 101 -5.05 -9.08 -4.18
N ILE A 102 -4.84 -9.66 -3.00
CA ILE A 102 -5.79 -9.56 -1.92
C ILE A 102 -5.07 -9.19 -0.64
N SER A 103 -5.55 -8.14 0.01
CA SER A 103 -4.98 -7.66 1.25
C SER A 103 -5.70 -8.25 2.45
N ALA A 104 -5.00 -9.08 3.21
CA ALA A 104 -5.57 -9.64 4.43
C ALA A 104 -5.03 -8.65 5.47
N ILE A 105 -5.78 -7.58 5.70
CA ILE A 105 -5.39 -6.53 6.62
C ILE A 105 -5.56 -6.97 8.07
N ASN A 106 -4.48 -7.46 8.65
CA ASN A 106 -4.50 -7.96 10.03
C ASN A 106 -3.85 -7.01 11.04
N GLY A 107 -3.95 -5.71 10.79
CA GLY A 107 -3.38 -4.75 11.70
C GLY A 107 -3.72 -3.34 11.26
N ALA A 108 -3.21 -2.35 11.99
CA ALA A 108 -3.45 -0.96 11.66
C ALA A 108 -2.75 -0.72 10.34
N SER A 109 -3.37 0.10 9.49
CA SER A 109 -2.82 0.37 8.17
C SER A 109 -2.97 1.80 7.73
N PRO A 110 -2.18 2.71 8.32
CA PRO A 110 -2.19 4.15 8.02
C PRO A 110 -1.35 4.44 6.78
N ALA A 111 -1.56 5.63 6.21
CA ALA A 111 -0.83 6.11 5.04
C ALA A 111 -0.27 5.05 4.09
N GLY A 112 1.06 4.94 4.08
CA GLY A 112 1.73 4.00 3.21
C GLY A 112 1.16 2.59 3.24
N GLY A 113 0.77 2.13 4.41
CA GLY A 113 0.22 0.79 4.49
C GLY A 113 -1.08 0.73 3.71
N CYS A 114 -1.80 1.84 3.77
CA CYS A 114 -3.07 1.96 3.07
C CYS A 114 -2.90 1.97 1.57
N LEU A 115 -1.76 2.43 1.08
CA LEU A 115 -1.56 2.45 -0.36
C LEU A 115 -1.46 1.06 -0.94
N MET A 116 -0.79 0.17 -0.22
CA MET A 116 -0.65 -1.20 -0.69
C MET A 116 -2.03 -1.85 -0.75
N ALA A 117 -2.83 -1.61 0.28
CA ALA A 117 -4.17 -2.15 0.33
C ALA A 117 -5.02 -1.60 -0.81
N LEU A 118 -4.85 -0.31 -1.11
CA LEU A 118 -5.61 0.35 -2.18
C LEU A 118 -5.28 -0.19 -3.56
N THR A 119 -4.08 -0.74 -3.71
CA THR A 119 -3.66 -1.28 -5.00
C THR A 119 -4.20 -2.69 -5.21
N CYS A 120 -4.71 -3.32 -4.16
CA CYS A 120 -5.23 -4.68 -4.32
C CYS A 120 -6.57 -4.76 -5.02
N ASP A 121 -6.92 -5.97 -5.46
CA ASP A 121 -8.18 -6.24 -6.16
C ASP A 121 -9.29 -6.51 -5.17
N TYR A 122 -8.93 -6.71 -3.90
CA TYR A 122 -9.91 -6.99 -2.87
C TYR A 122 -9.26 -6.77 -1.52
N ARG A 123 -10.01 -6.16 -0.59
CA ARG A 123 -9.50 -5.88 0.75
C ARG A 123 -10.35 -6.47 1.86
N ILE A 124 -9.70 -7.29 2.69
CA ILE A 124 -10.35 -7.94 3.81
C ILE A 124 -9.69 -7.46 5.09
N MET A 125 -10.51 -7.04 6.06
CA MET A 125 -9.95 -6.52 7.31
C MET A 125 -10.41 -7.25 8.56
N ALA A 126 -9.51 -7.32 9.54
CA ALA A 126 -9.81 -7.96 10.81
C ALA A 126 -10.73 -7.08 11.63
N ASP A 127 -11.77 -7.69 12.20
CA ASP A 127 -12.74 -6.95 13.00
C ASP A 127 -12.18 -6.58 14.36
N ASN A 128 -11.07 -5.84 14.37
CA ASN A 128 -10.42 -5.40 15.59
C ASN A 128 -10.55 -3.90 15.67
N SER A 129 -11.35 -3.42 16.62
CA SER A 129 -11.57 -2.01 16.78
C SER A 129 -10.30 -1.17 16.89
N LYS A 130 -9.17 -1.82 17.21
CA LYS A 130 -7.91 -1.10 17.34
C LYS A 130 -7.25 -0.86 15.98
N TYR A 131 -7.73 -1.56 14.95
CA TYR A 131 -7.18 -1.43 13.61
C TYR A 131 -7.89 -0.37 12.80
N THR A 132 -7.14 0.63 12.34
CA THR A 132 -7.72 1.68 11.53
C THR A 132 -6.91 1.77 10.23
N ILE A 133 -7.59 2.09 9.15
CA ILE A 133 -6.97 2.22 7.84
C ILE A 133 -7.36 3.55 7.21
N GLY A 134 -6.42 4.18 6.52
CA GLY A 134 -6.69 5.46 5.88
C GLY A 134 -5.44 6.26 5.57
N LEU A 135 -5.59 7.36 4.83
CA LEU A 135 -4.45 8.20 4.47
C LEU A 135 -4.45 9.45 5.35
N ASN A 136 -3.65 9.39 6.42
CA ASN A 136 -3.57 10.48 7.36
C ASN A 136 -2.34 11.36 7.16
N GLU A 137 -1.89 11.49 5.92
CA GLU A 137 -0.72 12.30 5.64
C GLU A 137 -0.85 13.72 6.16
N SER A 138 -1.97 14.37 5.86
CA SER A 138 -2.21 15.76 6.26
C SER A 138 -1.86 16.05 7.71
N LEU A 139 -2.12 15.09 8.60
CA LEU A 139 -1.81 15.28 10.01
C LEU A 139 -0.30 15.36 10.25
N LEU A 140 0.47 14.62 9.44
CA LEU A 140 1.92 14.61 9.57
C LEU A 140 2.54 15.84 8.90
N GLY A 141 1.70 16.73 8.39
CA GLY A 141 2.20 17.91 7.72
C GLY A 141 2.59 17.57 6.28
N ILE A 142 2.23 16.36 5.88
CA ILE A 142 2.52 15.83 4.54
C ILE A 142 1.24 15.79 3.71
N VAL A 143 1.35 15.36 2.45
CA VAL A 143 0.20 15.23 1.58
C VAL A 143 0.35 14.03 0.65
N ALA A 144 -0.72 13.25 0.50
CA ALA A 144 -0.70 12.08 -0.37
C ALA A 144 -0.37 12.51 -1.81
N PRO A 145 0.46 11.72 -2.52
CA PRO A 145 0.80 12.05 -3.91
C PRO A 145 -0.43 11.98 -4.80
N PHE A 146 -0.45 12.78 -5.86
CA PHE A 146 -1.62 12.80 -6.73
C PHE A 146 -2.11 11.43 -7.17
N TRP A 147 -1.20 10.56 -7.60
CA TRP A 147 -1.61 9.22 -8.04
C TRP A 147 -2.25 8.37 -6.95
N LEU A 148 -1.76 8.48 -5.72
CA LEU A 148 -2.34 7.72 -4.61
C LEU A 148 -3.73 8.31 -4.36
N LYS A 149 -3.83 9.63 -4.50
CA LYS A 149 -5.09 10.33 -4.31
C LYS A 149 -6.10 9.81 -5.34
N ASP A 150 -5.70 9.67 -6.59
CA ASP A 150 -6.62 9.16 -7.60
C ASP A 150 -7.06 7.72 -7.26
N ASN A 151 -6.14 6.94 -6.71
CA ASN A 151 -6.43 5.55 -6.33
C ASN A 151 -7.49 5.55 -5.24
N TYR A 152 -7.38 6.49 -4.32
CA TYR A 152 -8.32 6.63 -3.20
C TYR A 152 -9.69 7.06 -3.75
N VAL A 153 -9.68 8.06 -4.63
CA VAL A 153 -10.88 8.56 -5.27
C VAL A 153 -11.61 7.42 -5.98
N ASN A 154 -10.85 6.59 -6.69
CA ASN A 154 -11.43 5.46 -7.41
C ASN A 154 -12.00 4.42 -6.46
N THR A 155 -11.64 4.51 -5.19
CA THR A 155 -12.11 3.54 -4.22
C THR A 155 -13.35 3.93 -3.44
N ILE A 156 -13.29 5.09 -2.78
CA ILE A 156 -14.41 5.55 -1.96
C ILE A 156 -15.18 6.75 -2.48
N GLY A 157 -14.90 7.17 -3.71
CA GLY A 157 -15.58 8.32 -4.26
C GLY A 157 -14.81 9.60 -4.04
N HIS A 158 -15.04 10.58 -4.90
CA HIS A 158 -14.33 11.85 -4.81
C HIS A 158 -14.68 12.67 -3.57
N ARG A 159 -15.97 12.77 -3.25
CA ARG A 159 -16.42 13.51 -2.08
C ARG A 159 -15.84 12.93 -0.78
N ALA A 160 -15.98 11.62 -0.56
CA ALA A 160 -15.46 11.02 0.65
C ALA A 160 -13.93 11.21 0.74
N ALA A 161 -13.25 11.04 -0.39
CA ALA A 161 -11.81 11.20 -0.43
C ALA A 161 -11.41 12.62 -0.05
N GLU A 162 -12.17 13.59 -0.54
CA GLU A 162 -11.88 14.98 -0.27
C GLU A 162 -11.90 15.24 1.25
N ARG A 163 -12.87 14.66 1.94
CA ARG A 163 -12.99 14.84 3.37
C ARG A 163 -11.91 14.05 4.11
N ALA A 164 -11.81 12.76 3.81
CA ALA A 164 -10.85 11.87 4.45
C ALA A 164 -9.40 12.32 4.31
N LEU A 165 -9.00 12.75 3.12
CA LEU A 165 -7.62 13.20 2.90
C LEU A 165 -7.30 14.50 3.64
N GLN A 166 -8.24 15.44 3.67
CA GLN A 166 -8.01 16.72 4.36
C GLN A 166 -7.97 16.55 5.87
N LEU A 167 -8.88 15.73 6.39
CA LEU A 167 -8.94 15.47 7.82
C LEU A 167 -7.99 14.34 8.20
N GLY A 168 -7.36 13.72 7.20
CA GLY A 168 -6.45 12.61 7.47
C GLY A 168 -7.15 11.48 8.22
N THR A 169 -8.44 11.31 7.96
CA THR A 169 -9.25 10.30 8.60
C THR A 169 -8.70 8.88 8.58
N LEU A 170 -8.77 8.20 9.72
CA LEU A 170 -8.34 6.82 9.86
C LEU A 170 -9.60 6.04 10.25
N PHE A 171 -10.09 5.20 9.35
CA PHE A 171 -11.31 4.46 9.63
C PHE A 171 -11.15 3.13 10.34
N PRO A 172 -11.94 2.93 11.41
CA PRO A 172 -11.85 1.63 12.09
C PRO A 172 -12.66 0.67 11.20
N PRO A 173 -12.57 -0.64 11.43
CA PRO A 173 -13.29 -1.65 10.64
C PRO A 173 -14.67 -1.31 10.07
N ALA A 174 -15.67 -1.18 10.95
CA ALA A 174 -17.04 -0.87 10.54
C ALA A 174 -17.12 0.37 9.64
N GLU A 175 -16.40 1.42 10.00
CA GLU A 175 -16.40 2.66 9.22
C GLU A 175 -15.75 2.45 7.84
N ALA A 176 -14.62 1.75 7.83
CA ALA A 176 -13.92 1.49 6.58
C ALA A 176 -14.82 0.69 5.65
N LEU A 177 -15.57 -0.25 6.20
CA LEU A 177 -16.48 -1.05 5.39
C LEU A 177 -17.59 -0.15 4.83
N LYS A 178 -18.16 0.68 5.70
CA LYS A 178 -19.24 1.57 5.29
C LYS A 178 -18.83 2.51 4.16
N VAL A 179 -17.62 3.04 4.20
CA VAL A 179 -17.16 3.94 3.14
C VAL A 179 -16.63 3.20 1.90
N GLY A 180 -16.51 1.88 1.99
CA GLY A 180 -16.04 1.11 0.86
C GLY A 180 -14.53 1.01 0.75
N LEU A 181 -13.82 1.41 1.80
CA LEU A 181 -12.36 1.35 1.81
C LEU A 181 -11.93 -0.10 1.85
N VAL A 182 -12.69 -0.92 2.57
CA VAL A 182 -12.43 -2.35 2.63
C VAL A 182 -13.68 -3.01 2.07
N ASP A 183 -13.52 -4.22 1.55
CA ASP A 183 -14.67 -4.88 0.96
C ASP A 183 -15.33 -5.84 1.91
N GLU A 184 -14.63 -6.19 2.97
CA GLU A 184 -15.17 -7.16 3.90
C GLU A 184 -14.53 -7.05 5.29
N VAL A 185 -15.30 -7.36 6.32
CA VAL A 185 -14.79 -7.33 7.70
C VAL A 185 -15.18 -8.65 8.37
N VAL A 186 -14.18 -9.40 8.82
CA VAL A 186 -14.44 -10.69 9.47
C VAL A 186 -13.65 -10.75 10.77
N PRO A 187 -13.99 -11.70 11.66
CA PRO A 187 -13.25 -11.80 12.91
C PRO A 187 -11.78 -12.08 12.62
N GLU A 188 -10.89 -11.43 13.36
CA GLU A 188 -9.46 -11.58 13.14
C GLU A 188 -8.96 -12.95 12.72
N ASP A 189 -9.33 -14.00 13.45
CA ASP A 189 -8.87 -15.34 13.14
C ASP A 189 -9.34 -15.90 11.80
N GLN A 190 -10.29 -15.23 11.16
CA GLN A 190 -10.79 -15.70 9.86
C GLN A 190 -10.25 -14.94 8.66
N VAL A 191 -9.53 -13.84 8.91
CA VAL A 191 -8.98 -13.03 7.83
C VAL A 191 -8.21 -13.80 6.77
N HIS A 192 -7.25 -14.63 7.16
CA HIS A 192 -6.46 -15.37 6.19
C HIS A 192 -7.25 -16.41 5.42
N SER A 193 -8.10 -17.14 6.13
CA SER A 193 -8.92 -18.15 5.48
C SER A 193 -9.90 -17.49 4.49
N LYS A 194 -10.43 -16.32 4.87
CA LYS A 194 -11.37 -15.63 3.98
C LYS A 194 -10.63 -15.17 2.73
N ALA A 195 -9.40 -14.71 2.91
CA ALA A 195 -8.60 -14.24 1.80
C ALA A 195 -8.45 -15.40 0.81
N ARG A 196 -8.26 -16.61 1.36
CA ARG A 196 -8.11 -17.79 0.53
C ARG A 196 -9.43 -18.15 -0.18
N SER A 197 -10.54 -18.02 0.54
CA SER A 197 -11.85 -18.30 -0.03
C SER A 197 -12.07 -17.41 -1.23
N VAL A 198 -12.03 -16.10 -1.00
CA VAL A 198 -12.22 -15.11 -2.06
C VAL A 198 -11.25 -15.37 -3.21
N MET A 199 -9.98 -15.56 -2.89
CA MET A 199 -8.96 -15.82 -3.91
C MET A 199 -9.39 -16.98 -4.82
N ALA A 200 -9.87 -18.05 -4.20
CA ALA A 200 -10.32 -19.22 -4.95
C ALA A 200 -11.35 -18.80 -5.97
N LYS A 201 -12.26 -17.90 -5.59
CA LYS A 201 -13.28 -17.43 -6.51
C LYS A 201 -12.68 -16.68 -7.70
N TRP A 202 -11.76 -15.76 -7.43
CA TRP A 202 -11.15 -15.01 -8.51
C TRP A 202 -10.44 -15.93 -9.48
N PHE A 203 -10.01 -17.08 -8.97
CA PHE A 203 -9.31 -18.06 -9.79
C PHE A 203 -10.25 -18.75 -10.78
N THR A 204 -11.55 -18.65 -10.54
CA THR A 204 -12.53 -19.25 -11.46
C THR A 204 -12.67 -18.38 -12.70
N ILE A 205 -12.01 -17.23 -12.69
CA ILE A 205 -12.05 -16.30 -13.81
C ILE A 205 -10.87 -16.54 -14.75
N PRO A 206 -11.15 -16.76 -16.04
CA PRO A 206 -10.05 -16.98 -16.98
C PRO A 206 -9.01 -15.85 -16.89
N ASP A 207 -7.78 -16.22 -16.54
CA ASP A 207 -6.68 -15.27 -16.38
C ASP A 207 -6.51 -14.16 -17.41
N HIS A 208 -6.47 -14.50 -18.69
CA HIS A 208 -6.26 -13.49 -19.72
C HIS A 208 -7.31 -12.38 -19.77
N SER A 209 -8.59 -12.75 -19.70
CA SER A 209 -9.65 -11.75 -19.73
C SER A 209 -9.72 -10.95 -18.41
N ARG A 210 -9.38 -11.59 -17.30
CA ARG A 210 -9.37 -10.88 -16.02
C ARG A 210 -8.30 -9.82 -16.06
N GLN A 211 -7.12 -10.23 -16.53
CA GLN A 211 -5.98 -9.33 -16.62
C GLN A 211 -6.17 -8.16 -17.57
N LEU A 212 -6.82 -8.40 -18.71
CA LEU A 212 -7.07 -7.35 -19.68
C LEU A 212 -8.10 -6.37 -19.12
N THR A 213 -9.07 -6.90 -18.40
CA THR A 213 -10.11 -6.07 -17.79
C THR A 213 -9.44 -5.16 -16.78
N LYS A 214 -8.67 -5.77 -15.88
CA LYS A 214 -7.97 -5.02 -14.84
C LYS A 214 -7.11 -3.93 -15.46
N SER A 215 -6.27 -4.34 -16.41
CA SER A 215 -5.38 -3.41 -17.09
C SER A 215 -6.20 -2.24 -17.64
N MET A 216 -7.34 -2.57 -18.23
CA MET A 216 -8.25 -1.58 -18.81
C MET A 216 -8.78 -0.59 -17.78
N MET A 217 -9.09 -1.07 -16.58
CA MET A 217 -9.61 -0.23 -15.49
C MET A 217 -8.59 0.74 -14.92
N ARG A 218 -7.32 0.34 -14.92
CA ARG A 218 -6.27 1.14 -14.30
C ARG A 218 -5.22 1.87 -15.13
N LYS A 219 -5.10 1.58 -16.42
CA LYS A 219 -4.10 2.26 -17.24
C LYS A 219 -4.12 3.79 -17.17
N ALA A 220 -5.30 4.39 -17.29
CA ALA A 220 -5.40 5.83 -17.24
C ALA A 220 -4.77 6.38 -15.96
N THR A 221 -5.17 5.83 -14.82
CA THR A 221 -4.64 6.27 -13.52
C THR A 221 -3.12 6.12 -13.45
N ALA A 222 -2.61 4.96 -13.84
CA ALA A 222 -1.19 4.69 -13.81
C ALA A 222 -0.46 5.57 -14.82
N ASP A 223 -0.97 5.61 -16.04
CA ASP A 223 -0.36 6.41 -17.09
C ASP A 223 -0.23 7.87 -16.69
N ASN A 224 -1.15 8.35 -15.88
CA ASN A 224 -1.09 9.74 -15.45
C ASN A 224 0.19 9.98 -14.66
N LEU A 225 0.70 8.94 -14.01
CA LEU A 225 1.94 9.05 -13.25
C LEU A 225 3.15 8.77 -14.13
N ILE A 226 3.08 7.71 -14.92
CA ILE A 226 4.17 7.31 -15.80
C ILE A 226 4.63 8.40 -16.76
N LYS A 227 3.70 9.21 -17.27
CA LYS A 227 4.05 10.27 -18.22
C LYS A 227 4.77 11.45 -17.58
N GLN A 228 4.73 11.53 -16.25
CA GLN A 228 5.39 12.65 -15.57
C GLN A 228 6.14 12.19 -14.35
N ARG A 229 6.62 10.95 -14.41
CA ARG A 229 7.33 10.36 -13.28
C ARG A 229 8.49 11.21 -12.74
N GLU A 230 9.35 11.68 -13.65
CA GLU A 230 10.49 12.49 -13.25
C GLU A 230 10.07 13.79 -12.56
N ALA A 231 9.00 14.38 -13.06
CA ALA A 231 8.47 15.62 -12.49
C ALA A 231 7.93 15.35 -11.10
N ASP A 232 7.35 14.18 -10.90
CA ASP A 232 6.80 13.83 -9.60
C ASP A 232 7.96 13.66 -8.63
N ILE A 233 9.05 13.09 -9.11
CA ILE A 233 10.22 12.88 -8.27
C ILE A 233 10.84 14.24 -7.90
N GLN A 234 10.93 15.14 -8.88
CA GLN A 234 11.47 16.47 -8.62
C GLN A 234 10.62 17.21 -7.60
N ASN A 235 9.30 17.09 -7.72
CA ASN A 235 8.40 17.77 -6.79
C ASN A 235 8.53 17.25 -5.38
N PHE A 236 8.64 15.94 -5.22
CA PHE A 236 8.78 15.37 -3.89
C PHE A 236 10.09 15.87 -3.29
N THR A 237 11.15 15.86 -4.08
CA THR A 237 12.45 16.30 -3.61
C THR A 237 12.41 17.77 -3.18
N SER A 238 11.77 18.62 -3.98
CA SER A 238 11.67 20.03 -3.62
C SER A 238 10.90 20.18 -2.32
N PHE A 239 9.65 19.74 -2.33
CA PHE A 239 8.75 19.81 -1.18
C PHE A 239 9.34 19.23 0.10
N ILE A 240 9.95 18.06 0.00
CA ILE A 240 10.52 17.42 1.19
C ILE A 240 11.77 18.14 1.70
N SER A 241 12.51 18.78 0.79
CA SER A 241 13.74 19.49 1.14
C SER A 241 13.53 20.86 1.81
N ARG A 242 12.32 21.39 1.72
CA ARG A 242 12.02 22.68 2.33
C ARG A 242 12.29 22.64 3.83
N ASP A 243 13.01 23.64 4.32
CA ASP A 243 13.36 23.74 5.73
C ASP A 243 12.14 23.72 6.63
N SER A 244 11.08 24.40 6.21
CA SER A 244 9.85 24.44 7.01
C SER A 244 9.20 23.05 7.11
N ILE A 245 9.29 22.26 6.04
CA ILE A 245 8.73 20.91 6.01
C ILE A 245 9.70 19.92 6.65
N GLN A 246 10.99 20.19 6.48
CA GLN A 246 12.01 19.34 7.07
C GLN A 246 11.85 19.48 8.58
N LYS A 247 11.53 20.70 9.00
CA LYS A 247 11.33 21.01 10.43
C LYS A 247 10.21 20.18 11.04
N SER A 248 8.99 20.36 10.53
CA SER A 248 7.84 19.62 11.07
C SER A 248 8.06 18.12 10.96
N LEU A 249 9.08 17.72 10.20
CA LEU A 249 9.39 16.31 10.05
C LEU A 249 10.24 15.88 11.24
N HIS A 250 10.73 16.87 12.00
CA HIS A 250 11.53 16.59 13.17
C HIS A 250 10.62 16.58 14.39
N VAL A 251 9.79 17.61 14.50
CA VAL A 251 8.86 17.72 15.61
C VAL A 251 7.92 16.54 15.63
N TYR A 252 7.66 15.96 14.47
CA TYR A 252 6.77 14.81 14.38
C TYR A 252 7.53 13.56 14.82
N LEU A 253 8.82 13.49 14.48
CA LEU A 253 9.63 12.35 14.86
C LEU A 253 9.91 12.37 16.35
N GLU A 254 10.24 13.54 16.88
CA GLU A 254 10.52 13.66 18.31
C GLU A 254 9.30 13.26 19.14
N LYS A 255 8.12 13.71 18.71
CA LYS A 255 6.89 13.37 19.42
C LYS A 255 6.70 11.86 19.38
N LEU A 256 7.55 11.20 18.58
CA LEU A 256 7.51 9.74 18.45
C LEU A 256 8.59 9.16 19.36
N LYS A 257 8.50 9.52 20.64
CA LYS A 257 9.45 9.05 21.64
C LYS A 257 8.80 9.11 23.03
P PO4 B . 21.08 3.93 -0.05
O1 PO4 B . 21.89 3.41 1.18
O2 PO4 B . 20.23 2.87 -0.71
O3 PO4 B . 22.09 4.54 -1.06
O4 PO4 B . 20.18 5.06 0.49
P PO4 C . -5.10 -19.23 10.29
O1 PO4 C . -4.01 -19.36 11.44
O2 PO4 C . -6.45 -19.78 10.73
O3 PO4 C . -5.14 -17.72 9.87
O4 PO4 C . -4.62 -20.04 9.05
P PO4 D . -1.15 -18.86 7.18
O1 PO4 D . -0.36 -18.93 8.55
O2 PO4 D . -0.41 -19.54 6.04
O3 PO4 D . -1.40 -17.33 6.87
O4 PO4 D . -2.54 -19.53 7.39
ZN ZN E . 20.10 6.84 -0.71
ZN ZN F . -2.62 -17.20 9.22
ZN ZN G . -2.08 -20.45 9.85
C1 BEN H . 4.12 16.46 -2.45
C2 BEN H . 4.46 15.46 -3.40
C3 BEN H . 4.80 14.17 -3.03
C4 BEN H . 4.81 13.77 -1.68
C5 BEN H . 4.47 14.75 -0.73
C6 BEN H . 4.14 16.02 -1.11
C BEN H . 3.78 17.77 -2.87
N1 BEN H . 2.87 18.53 -2.18
N2 BEN H . 4.31 18.37 -3.93
C1 BEN I . 4.35 14.56 -3.38
C2 BEN I . 4.26 13.54 -2.41
C3 BEN I . 4.25 13.81 -1.04
C4 BEN I . 4.33 15.13 -0.57
C5 BEN I . 4.41 16.15 -1.54
C6 BEN I . 4.43 15.87 -2.86
C BEN I . 4.36 14.24 -4.77
N1 BEN I . 4.04 13.04 -5.25
N2 BEN I . 4.71 15.15 -5.72
C1 BEN J . 4.67 14.28 -0.90
C2 BEN J . 4.16 15.59 -0.81
C3 BEN J . 4.13 16.45 -1.91
C4 BEN J . 4.62 16.05 -3.17
C5 BEN J . 5.12 14.74 -3.25
C6 BEN J . 5.15 13.91 -2.16
C BEN J . 4.68 13.44 0.25
N1 BEN J . 5.42 13.68 1.33
N2 BEN J . 3.92 12.31 0.30
#